data_5QIQ
#
_entry.id   5QIQ
#
_cell.length_a   47.610
_cell.length_b   58.790
_cell.length_c   50.194
_cell.angle_alpha   90.000
_cell.angle_beta   116.140
_cell.angle_gamma   90.000
#
_symmetry.space_group_name_H-M   'P 1 21 1'
#
loop_
_entity.id
_entity.type
_entity.pdbx_description
1 polymer 'Ubiquitin thioesterase OTUB2'
2 non-polymer DI(HYDROXYETHYL)ETHER
3 non-polymer N-[(4-bromothiophen-2-yl)methyl]acetamide
4 non-polymer 1,2-ETHANEDIOL
5 water water
#
_entity_poly.entity_id   1
_entity_poly.type   'polypeptide(L)'
_entity_poly.pdbx_seq_one_letter_code
;FNLISEKCDILSILRDHPENRIYRRKIEELSKRFTAIRKTKGDRNCFYRALGYSYLESLLGKSREIFKFKERVLQTPNDL
LAAGFEEHKFRNFFNAFYSVVELVEKDGSVSSLLKVFNDQSASDHIVQFLRLLTSAFIRNRADFFRHFIDEEMDIKDFCT
HEVEPMATECDHIQITALSQALSIALQVEYVDEMDTALNHHVFPEAATPSVYLLYKTSHYNILYA
;
_entity_poly.pdbx_strand_id   A
#
# COMPACT_ATOMS: atom_id res chain seq x y z
N PHE A 1 -8.11 15.70 -6.91
CA PHE A 1 -7.58 14.33 -7.00
C PHE A 1 -6.04 14.41 -7.09
N ASN A 2 -5.44 15.20 -6.17
CA ASN A 2 -4.05 15.46 -6.19
C ASN A 2 -3.25 14.32 -5.53
N LEU A 3 -3.85 13.52 -4.65
CA LEU A 3 -3.05 12.43 -3.99
C LEU A 3 -3.29 11.10 -4.71
N ILE A 4 -4.56 10.81 -5.05
CA ILE A 4 -4.97 9.59 -5.82
C ILE A 4 -5.91 10.03 -6.96
N SER A 5 -5.51 9.74 -8.20
CA SER A 5 -6.15 10.23 -9.42
C SER A 5 -7.41 9.38 -9.77
N GLU A 6 -8.17 9.92 -10.70
CA GLU A 6 -9.22 9.28 -11.44
C GLU A 6 -8.61 8.12 -12.22
N LYS A 7 -9.45 7.12 -12.56
CA LYS A 7 -9.02 5.99 -13.43
C LYS A 7 -8.75 6.47 -14.85
N CYS A 8 -7.66 5.98 -15.47
CA CYS A 8 -7.31 6.25 -16.86
C CYS A 8 -7.02 4.93 -17.60
N ASP A 9 -7.16 4.93 -18.92
CA ASP A 9 -6.73 3.80 -19.79
C ASP A 9 -5.23 3.54 -19.59
N ILE A 10 -4.81 2.26 -19.60
CA ILE A 10 -3.37 1.89 -19.34
C ILE A 10 -2.46 2.60 -20.37
N LEU A 11 -2.89 2.71 -21.63
CA LEU A 11 -1.98 3.21 -22.69
C LEU A 11 -1.78 4.72 -22.53
N SER A 12 -2.61 5.37 -21.70
CA SER A 12 -2.39 6.80 -21.41
C SER A 12 -1.03 7.10 -20.77
N ILE A 13 -0.33 6.12 -20.21
CA ILE A 13 0.98 6.37 -19.59
C ILE A 13 2.14 6.30 -20.63
N LEU A 14 1.86 5.96 -21.90
CA LEU A 14 2.89 6.11 -22.94
C LEU A 14 3.45 7.55 -22.98
N ARG A 15 2.59 8.56 -22.76
CA ARG A 15 3.00 9.98 -22.86
C ARG A 15 4.03 10.37 -21.80
N ASP A 16 4.15 9.58 -20.74
CA ASP A 16 5.12 9.80 -19.62
C ASP A 16 6.53 9.38 -20.06
N HIS A 17 6.64 8.59 -21.15
CA HIS A 17 7.93 8.04 -21.64
C HIS A 17 8.05 8.14 -23.16
N PRO A 18 7.87 9.34 -23.76
CA PRO A 18 7.82 9.46 -25.21
C PRO A 18 9.14 8.99 -25.87
N GLU A 19 9.02 8.31 -27.03
CA GLU A 19 10.19 7.94 -27.86
C GLU A 19 11.18 7.07 -27.09
N ASN A 20 10.66 6.27 -26.15
CA ASN A 20 11.46 5.32 -25.39
C ASN A 20 11.04 3.86 -25.73
N ARG A 21 11.93 3.10 -26.37
CA ARG A 21 11.51 1.83 -26.98
C ARG A 21 11.22 0.79 -25.90
N ILE A 22 12.05 0.75 -24.84
CA ILE A 22 11.84 -0.26 -23.77
C ILE A 22 10.57 0.05 -22.99
N TYR A 23 10.38 1.29 -22.57
CA TYR A 23 9.17 1.62 -21.81
C TYR A 23 7.92 1.42 -22.67
N ARG A 24 8.00 1.79 -23.96
CA ARG A 24 6.86 1.56 -24.86
C ARG A 24 6.54 0.07 -24.94
N ARG A 25 7.57 -0.76 -25.18
CA ARG A 25 7.34 -2.22 -25.25
C ARG A 25 6.64 -2.73 -23.98
N LYS A 26 7.16 -2.35 -22.82
CA LYS A 26 6.72 -2.93 -21.58
C LYS A 26 5.30 -2.44 -21.23
N ILE A 27 5.01 -1.18 -21.51
CA ILE A 27 3.63 -0.62 -21.29
C ILE A 27 2.61 -1.29 -22.23
N GLU A 28 2.97 -1.49 -23.52
CA GLU A 28 2.11 -2.26 -24.45
C GLU A 28 1.82 -3.68 -23.93
N GLU A 29 2.85 -4.38 -23.44
CA GLU A 29 2.67 -5.71 -22.86
C GLU A 29 1.74 -5.63 -21.63
N LEU A 30 1.96 -4.66 -20.75
CA LEU A 30 1.12 -4.49 -19.51
C LEU A 30 -0.35 -4.35 -19.90
N SER A 31 -0.60 -3.61 -20.99
CA SER A 31 -1.99 -3.32 -21.46
C SER A 31 -2.76 -4.61 -21.86
N LYS A 32 -2.03 -5.71 -22.14
CA LYS A 32 -2.64 -6.97 -22.56
C LYS A 32 -3.27 -7.67 -21.34
N ARG A 33 -2.83 -7.31 -20.10
CA ARG A 33 -3.15 -7.99 -18.82
C ARG A 33 -4.00 -7.10 -17.91
N PHE A 34 -3.90 -5.77 -18.07
CA PHE A 34 -4.59 -4.80 -17.20
C PHE A 34 -5.31 -3.75 -18.09
N THR A 35 -6.48 -3.24 -17.65
CA THR A 35 -7.29 -2.35 -18.46
C THR A 35 -7.16 -0.89 -18.00
N ALA A 36 -6.85 -0.64 -16.71
CA ALA A 36 -6.90 0.78 -16.20
C ALA A 36 -5.83 0.97 -15.12
N ILE A 37 -5.53 2.28 -14.85
CA ILE A 37 -4.56 2.68 -13.85
C ILE A 37 -5.05 3.93 -13.11
N ARG A 38 -4.64 4.04 -11.84
CA ARG A 38 -4.75 5.29 -11.07
C ARG A 38 -3.34 5.69 -10.65
N LYS A 39 -3.06 6.97 -10.82
CA LYS A 39 -1.75 7.54 -10.40
C LYS A 39 -1.84 8.00 -8.94
N THR A 40 -0.70 7.97 -8.26
CA THR A 40 -0.53 8.47 -6.90
C THR A 40 0.56 9.57 -6.89
N LYS A 41 0.42 10.51 -5.95
CA LYS A 41 1.43 11.57 -5.74
C LYS A 41 2.76 10.99 -5.26
N GLY A 42 3.87 11.37 -5.91
CA GLY A 42 5.23 10.91 -5.51
C GLY A 42 5.91 11.73 -4.42
N ASP A 43 5.43 11.56 -3.19
CA ASP A 43 5.81 12.40 -2.02
C ASP A 43 6.60 11.61 -0.96
N ARG A 44 6.99 10.37 -1.30
CA ARG A 44 7.65 9.45 -0.38
C ARG A 44 6.69 8.53 0.39
N ASN A 45 5.38 8.81 0.29
CA ASN A 45 4.35 8.03 1.01
C ASN A 45 3.50 7.14 0.09
N CYS A 46 3.83 7.09 -1.20
CA CYS A 46 2.96 6.55 -2.18
C CYS A 46 2.70 5.03 -2.02
N PHE A 47 3.63 4.22 -1.48
CA PHE A 47 3.27 2.79 -1.23
C PHE A 47 2.10 2.67 -0.25
N TYR A 48 2.26 3.30 0.93
CA TYR A 48 1.24 3.24 1.96
C TYR A 48 -0.12 3.76 1.47
N ARG A 49 -0.09 4.92 0.80
CA ARG A 49 -1.30 5.57 0.36
C ARG A 49 -2.00 4.70 -0.72
N ALA A 50 -1.22 4.15 -1.67
CA ALA A 50 -1.80 3.28 -2.74
C ALA A 50 -2.36 1.98 -2.15
N LEU A 51 -1.60 1.30 -1.26
CA LEU A 51 -2.11 0.03 -0.72
C LEU A 51 -3.39 0.27 0.08
N GLY A 52 -3.40 1.29 0.97
CA GLY A 52 -4.55 1.55 1.75
C GLY A 52 -5.78 1.81 0.92
N TYR A 53 -5.66 2.68 -0.06
CA TYR A 53 -6.86 2.99 -0.91
C TYR A 53 -7.31 1.74 -1.69
N SER A 54 -6.40 1.12 -2.42
CA SER A 54 -6.74 0.00 -3.30
CA SER A 54 -6.79 0.00 -3.30
C SER A 54 -7.36 -1.18 -2.53
N TYR A 55 -6.81 -1.54 -1.36
CA TYR A 55 -7.37 -2.65 -0.55
C TYR A 55 -8.78 -2.30 -0.09
N LEU A 56 -8.97 -1.11 0.50
CA LEU A 56 -10.32 -0.75 0.98
C LEU A 56 -11.33 -0.64 -0.20
N GLU A 57 -10.91 -0.13 -1.36
CA GLU A 57 -11.76 -0.09 -2.56
C GLU A 57 -12.22 -1.52 -2.96
N SER A 58 -11.32 -2.50 -2.81
CA SER A 58 -11.63 -3.89 -3.19
C SER A 58 -12.65 -4.52 -2.25
N LEU A 59 -12.84 -4.00 -1.04
CA LEU A 59 -13.80 -4.55 -0.07
C LEU A 59 -15.22 -4.03 -0.27
N LEU A 60 -15.42 -2.95 -1.03
CA LEU A 60 -16.77 -2.32 -1.12
C LEU A 60 -17.81 -3.37 -1.50
N GLY A 61 -18.92 -3.38 -0.74
CA GLY A 61 -20.06 -4.29 -1.01
C GLY A 61 -19.94 -5.72 -0.48
N LYS A 62 -18.79 -6.11 0.09
CA LYS A 62 -18.48 -7.51 0.50
C LYS A 62 -18.63 -7.62 2.02
N SER A 63 -19.86 -7.96 2.47
CA SER A 63 -20.19 -7.81 3.90
C SER A 63 -19.37 -8.74 4.83
N ARG A 64 -19.15 -10.02 4.43
CA ARG A 64 -18.34 -10.94 5.31
C ARG A 64 -16.86 -10.49 5.35
N GLU A 65 -16.31 -10.03 4.23
CA GLU A 65 -14.89 -9.67 4.14
C GLU A 65 -14.65 -8.37 4.94
N ILE A 66 -15.62 -7.45 4.91
CA ILE A 66 -15.57 -6.19 5.70
C ILE A 66 -15.62 -6.54 7.19
N PHE A 67 -16.56 -7.40 7.61
CA PHE A 67 -16.67 -7.83 9.02
C PHE A 67 -15.35 -8.44 9.56
N LYS A 68 -14.70 -9.30 8.78
CA LYS A 68 -13.46 -9.95 9.20
C LYS A 68 -12.30 -8.93 9.23
N PHE A 69 -12.25 -8.01 8.26
CA PHE A 69 -11.19 -6.99 8.28
C PHE A 69 -11.34 -6.08 9.51
N LYS A 70 -12.56 -5.59 9.75
CA LYS A 70 -12.84 -4.72 10.93
C LYS A 70 -12.40 -5.42 12.22
N GLU A 71 -12.67 -6.73 12.35
CA GLU A 71 -12.29 -7.50 13.53
C GLU A 71 -10.76 -7.42 13.71
N ARG A 72 -9.99 -7.59 12.63
CA ARG A 72 -8.51 -7.48 12.71
C ARG A 72 -8.08 -6.07 13.11
N VAL A 73 -8.68 -5.04 12.47
CA VAL A 73 -8.25 -3.67 12.76
C VAL A 73 -8.48 -3.33 14.23
N LEU A 74 -9.60 -3.80 14.81
CA LEU A 74 -9.87 -3.53 16.24
C LEU A 74 -8.77 -4.08 17.18
N GLN A 75 -8.02 -5.12 16.75
CA GLN A 75 -6.95 -5.70 17.55
C GLN A 75 -5.58 -5.03 17.35
N THR A 76 -5.42 -4.23 16.32
CA THR A 76 -4.09 -3.62 15.98
C THR A 76 -3.55 -2.74 17.13
N PRO A 77 -4.35 -2.01 17.95
CA PRO A 77 -3.74 -1.30 19.10
C PRO A 77 -2.90 -2.24 19.97
N ASN A 78 -3.30 -3.53 20.12
CA ASN A 78 -2.52 -4.49 20.95
C ASN A 78 -1.14 -4.75 20.30
N ASP A 79 -1.07 -4.82 18.94
CA ASP A 79 0.25 -4.99 18.28
C ASP A 79 1.15 -3.77 18.62
N LEU A 80 0.57 -2.56 18.56
CA LEU A 80 1.32 -1.25 18.84
C LEU A 80 1.81 -1.24 20.30
N LEU A 81 0.96 -1.64 21.25
CA LEU A 81 1.33 -1.63 22.66
C LEU A 81 2.43 -2.65 22.93
N ALA A 82 2.33 -3.84 22.32
CA ALA A 82 3.32 -4.90 22.52
C ALA A 82 4.72 -4.47 22.03
N ALA A 83 4.79 -3.55 21.06
CA ALA A 83 6.07 -3.09 20.47
C ALA A 83 6.61 -1.86 21.21
N GLY A 84 5.87 -1.36 22.21
CA GLY A 84 6.36 -0.17 22.99
C GLY A 84 5.73 1.17 22.65
N PHE A 85 4.80 1.23 21.70
CA PHE A 85 4.11 2.49 21.36
C PHE A 85 3.09 2.76 22.47
N GLU A 86 2.89 4.05 22.78
CA GLU A 86 1.97 4.43 23.84
C GLU A 86 0.63 4.88 23.24
N GLU A 87 -0.48 4.53 23.90
CA GLU A 87 -1.83 4.72 23.34
C GLU A 87 -2.08 6.19 23.09
N HIS A 88 -1.69 7.07 24.02
CA HIS A 88 -2.05 8.47 23.81
C HIS A 88 -1.28 9.10 22.62
N LYS A 89 -0.16 8.48 22.22
CA LYS A 89 0.60 8.92 21.01
C LYS A 89 0.09 8.30 19.69
N PHE A 90 -0.55 7.14 19.68
CA PHE A 90 -1.11 6.54 18.40
C PHE A 90 -2.63 6.73 18.24
N ARG A 91 -3.31 7.22 19.30
CA ARG A 91 -4.82 7.34 19.32
C ARG A 91 -5.35 8.06 18.07
N ASN A 92 -4.78 9.23 17.74
CA ASN A 92 -5.34 10.06 16.69
C ASN A 92 -5.21 9.33 15.33
N PHE A 93 -4.10 8.59 15.12
CA PHE A 93 -3.84 7.86 13.87
C PHE A 93 -4.72 6.58 13.76
N PHE A 94 -4.83 5.83 14.86
CA PHE A 94 -5.70 4.70 14.89
C PHE A 94 -7.14 5.14 14.60
N ASN A 95 -7.59 6.20 15.25
CA ASN A 95 -8.99 6.56 15.06
C ASN A 95 -9.29 6.96 13.61
N ALA A 96 -8.36 7.65 12.91
CA ALA A 96 -8.53 8.02 11.50
C ALA A 96 -8.65 6.74 10.61
N PHE A 97 -7.85 5.70 10.88
CA PHE A 97 -7.97 4.46 10.07
C PHE A 97 -9.29 3.74 10.38
N TYR A 98 -9.64 3.60 11.67
CA TYR A 98 -10.89 2.92 11.97
C TYR A 98 -12.07 3.65 11.31
N SER A 99 -12.06 4.99 11.31
CA SER A 99 -13.11 5.80 10.68
C SER A 99 -13.28 5.48 9.18
N VAL A 100 -12.18 5.28 8.42
CA VAL A 100 -12.29 5.05 7.00
C VAL A 100 -12.79 3.59 6.78
N VAL A 101 -12.44 2.64 7.67
CA VAL A 101 -12.99 1.29 7.58
C VAL A 101 -14.50 1.31 7.81
N GLU A 102 -14.95 2.07 8.80
CA GLU A 102 -16.42 2.21 9.01
C GLU A 102 -17.11 2.85 7.78
N LEU A 103 -16.47 3.84 7.16
CA LEU A 103 -16.99 4.45 5.89
C LEU A 103 -17.24 3.37 4.81
N VAL A 104 -16.32 2.43 4.63
CA VAL A 104 -16.46 1.35 3.62
C VAL A 104 -17.73 0.52 3.95
N GLU A 105 -17.98 0.27 5.24
CA GLU A 105 -19.17 -0.50 5.67
C GLU A 105 -20.46 0.35 5.52
N LYS A 106 -20.43 1.59 5.95
CA LYS A 106 -21.70 2.35 6.12
C LYS A 106 -22.10 3.12 4.86
N ASP A 107 -21.12 3.78 4.22
CA ASP A 107 -21.36 4.58 2.99
C ASP A 107 -21.22 3.67 1.76
N GLY A 108 -20.06 3.04 1.62
CA GLY A 108 -19.89 2.02 0.57
C GLY A 108 -19.67 2.55 -0.84
N SER A 109 -19.43 3.85 -1.03
CA SER A 109 -19.19 4.43 -2.43
C SER A 109 -17.70 4.64 -2.71
N VAL A 110 -17.30 4.48 -3.96
CA VAL A 110 -15.97 4.87 -4.39
C VAL A 110 -15.79 6.38 -4.18
N SER A 111 -16.81 7.19 -4.52
CA SER A 111 -16.64 8.65 -4.44
CA SER A 111 -16.67 8.67 -4.43
C SER A 111 -16.27 9.09 -3.00
N SER A 112 -16.93 8.53 -1.99
CA SER A 112 -16.65 8.92 -0.58
CA SER A 112 -16.66 8.89 -0.57
C SER A 112 -15.26 8.47 -0.13
N LEU A 113 -14.85 7.27 -0.56
CA LEU A 113 -13.54 6.72 -0.18
C LEU A 113 -12.43 7.56 -0.84
N LEU A 114 -12.59 7.87 -2.13
CA LEU A 114 -11.57 8.70 -2.84
C LEU A 114 -11.46 10.09 -2.20
N LYS A 115 -12.57 10.67 -1.74
CA LYS A 115 -12.51 12.00 -1.10
C LYS A 115 -11.67 11.95 0.19
N VAL A 116 -11.85 10.93 1.03
CA VAL A 116 -11.01 10.78 2.27
C VAL A 116 -9.53 10.68 1.86
N PHE A 117 -9.19 9.85 0.88
CA PHE A 117 -7.75 9.63 0.55
C PHE A 117 -7.15 10.85 -0.19
N ASN A 118 -7.97 11.78 -0.73
CA ASN A 118 -7.48 13.05 -1.30
C ASN A 118 -7.57 14.21 -0.32
N ASP A 119 -8.08 13.99 0.90
CA ASP A 119 -8.09 15.03 2.04
C ASP A 119 -6.69 14.95 2.67
N GLN A 120 -5.87 15.99 2.54
CA GLN A 120 -4.49 15.89 2.99
C GLN A 120 -4.40 15.43 4.45
N SER A 121 -5.25 16.03 5.31
CA SER A 121 -5.25 15.72 6.78
C SER A 121 -5.66 14.25 7.04
N ALA A 122 -6.83 13.86 6.56
CA ALA A 122 -7.30 12.46 6.85
C ALA A 122 -6.30 11.44 6.24
N SER A 123 -5.88 11.71 5.01
CA SER A 123 -5.06 10.77 4.26
C SER A 123 -3.67 10.61 4.91
N ASP A 124 -3.08 11.72 5.39
CA ASP A 124 -1.79 11.66 6.07
C ASP A 124 -1.90 11.01 7.45
N HIS A 125 -3.02 11.19 8.15
CA HIS A 125 -3.25 10.46 9.41
C HIS A 125 -3.32 8.92 9.14
N ILE A 126 -4.01 8.52 8.07
CA ILE A 126 -4.10 7.10 7.68
C ILE A 126 -2.67 6.57 7.36
N VAL A 127 -1.90 7.27 6.52
CA VAL A 127 -0.54 6.84 6.18
C VAL A 127 0.27 6.67 7.49
N GLN A 128 0.25 7.65 8.40
CA GLN A 128 1.05 7.59 9.65
C GLN A 128 0.64 6.32 10.44
N PHE A 129 -0.68 6.03 10.54
CA PHE A 129 -1.12 4.77 11.23
C PHE A 129 -0.46 3.52 10.57
N LEU A 130 -0.52 3.48 9.21
CA LEU A 130 0.00 2.30 8.51
C LEU A 130 1.51 2.13 8.77
N ARG A 131 2.24 3.26 8.83
CA ARG A 131 3.68 3.20 9.10
C ARG A 131 3.97 2.67 10.52
N LEU A 132 3.21 3.16 11.53
CA LEU A 132 3.39 2.70 12.94
C LEU A 132 3.05 1.19 13.06
N LEU A 133 2.02 0.73 12.32
CA LEU A 133 1.65 -0.71 12.37
C LEU A 133 2.74 -1.55 11.72
N THR A 134 3.28 -1.08 10.60
CA THR A 134 4.46 -1.75 9.90
C THR A 134 5.62 -1.93 10.89
N SER A 135 6.01 -0.81 11.52
CA SER A 135 7.05 -0.78 12.52
C SER A 135 6.80 -1.80 13.66
N ALA A 136 5.60 -1.73 14.26
CA ALA A 136 5.25 -2.65 15.34
C ALA A 136 5.37 -4.13 14.90
N PHE A 137 4.86 -4.45 13.70
CA PHE A 137 4.80 -5.83 13.24
C PHE A 137 6.23 -6.39 13.07
N ILE A 138 7.14 -5.54 12.58
CA ILE A 138 8.56 -5.90 12.41
C ILE A 138 9.23 -6.08 13.78
N ARG A 139 9.01 -5.10 14.68
CA ARG A 139 9.65 -5.12 15.98
C ARG A 139 9.29 -6.37 16.78
N ASN A 140 8.01 -6.76 16.68
CA ASN A 140 7.44 -7.94 17.45
C ASN A 140 7.91 -9.28 16.88
N ARG A 141 8.53 -9.24 15.69
CA ARG A 141 9.00 -10.45 14.97
C ARG A 141 10.43 -10.23 14.49
N ALA A 142 11.24 -9.59 15.32
CA ALA A 142 12.60 -9.24 14.88
C ALA A 142 13.39 -10.46 14.39
N ASP A 143 13.28 -11.63 15.04
CA ASP A 143 14.14 -12.82 14.67
C ASP A 143 13.74 -13.27 13.24
N PHE A 144 12.44 -13.15 12.89
CA PHE A 144 11.89 -13.54 11.54
C PHE A 144 12.39 -12.61 10.43
N PHE A 145 12.44 -11.31 10.71
CA PHE A 145 13.00 -10.38 9.72
C PHE A 145 14.56 -10.64 9.67
N ARG A 146 15.24 -10.84 10.81
CA ARG A 146 16.74 -11.32 10.83
C ARG A 146 17.01 -12.73 10.22
N HIS A 147 16.08 -13.70 10.34
CA HIS A 147 16.41 -15.15 9.94
C HIS A 147 16.25 -15.26 8.43
N PHE A 148 15.14 -14.69 7.94
CA PHE A 148 14.66 -14.83 6.55
C PHE A 148 15.07 -13.62 5.69
N ILE A 149 15.42 -12.47 6.30
CA ILE A 149 15.74 -11.25 5.45
C ILE A 149 17.20 -10.80 5.70
N ASP A 150 17.65 -10.86 6.96
CA ASP A 150 18.33 -9.71 7.55
C ASP A 150 19.45 -10.05 8.55
N GLU A 151 20.13 -11.20 8.46
CA GLU A 151 20.99 -11.75 9.53
C GLU A 151 21.81 -10.66 10.25
N GLU A 152 22.42 -9.71 9.49
CA GLU A 152 23.40 -8.71 10.04
C GLU A 152 22.74 -7.37 10.45
N MET A 153 21.44 -7.21 10.11
CA MET A 153 20.65 -5.93 10.16
C MET A 153 20.35 -5.61 11.63
N ASP A 154 20.41 -4.28 11.93
CA ASP A 154 19.91 -3.66 13.17
C ASP A 154 18.41 -3.21 13.12
N ILE A 155 17.49 -4.04 13.69
CA ILE A 155 16.06 -3.94 13.42
C ILE A 155 15.46 -2.65 13.99
N LYS A 156 15.83 -2.32 15.22
CA LYS A 156 15.22 -1.18 15.90
C LYS A 156 15.59 0.13 15.20
N ASP A 157 16.86 0.24 14.81
CA ASP A 157 17.32 1.47 14.14
C ASP A 157 16.65 1.58 12.75
N PHE A 158 16.55 0.45 12.04
CA PHE A 158 15.87 0.40 10.73
C PHE A 158 14.44 0.95 10.86
N CYS A 159 13.71 0.47 11.86
CA CYS A 159 12.29 0.92 12.00
C CYS A 159 12.21 2.42 12.34
N THR A 160 13.10 2.89 13.21
CA THR A 160 13.17 4.33 13.59
C THR A 160 13.41 5.26 12.39
N HIS A 161 14.29 4.84 11.48
CA HIS A 161 14.79 5.72 10.44
C HIS A 161 14.08 5.53 9.08
N GLU A 162 13.61 4.28 8.81
CA GLU A 162 13.21 3.90 7.43
C GLU A 162 11.75 3.42 7.37
N VAL A 163 11.02 3.42 8.50
CA VAL A 163 9.57 2.94 8.53
C VAL A 163 8.68 4.05 9.14
N GLU A 164 8.99 4.43 10.39
CA GLU A 164 8.10 5.39 11.14
C GLU A 164 7.99 6.79 10.53
N PRO A 165 9.11 7.42 10.06
CA PRO A 165 8.95 8.80 9.59
C PRO A 165 8.16 8.95 8.28
N MET A 166 7.32 9.97 8.21
CA MET A 166 6.68 10.34 6.96
C MET A 166 7.73 10.58 5.89
N ALA A 167 7.36 10.21 4.65
CA ALA A 167 8.15 10.45 3.39
C ALA A 167 9.34 9.50 3.24
N THR A 168 9.48 8.44 4.08
CA THR A 168 10.59 7.50 3.89
C THR A 168 10.13 6.40 2.92
N GLU A 169 11.00 6.10 1.98
CA GLU A 169 10.69 5.12 0.90
C GLU A 169 10.74 3.68 1.43
N CYS A 170 10.07 2.79 0.72
CA CYS A 170 9.87 1.39 1.08
CA CYS A 170 10.05 1.42 1.22
C CYS A 170 10.84 0.50 0.29
N ASP A 171 11.04 -0.72 0.77
CA ASP A 171 11.69 -1.86 0.09
C ASP A 171 10.87 -3.13 0.41
N HIS A 172 11.43 -4.29 0.10
CA HIS A 172 10.69 -5.60 0.29
C HIS A 172 10.25 -5.80 1.75
N ILE A 173 11.09 -5.38 2.75
CA ILE A 173 10.78 -5.64 4.17
C ILE A 173 9.46 -4.95 4.52
N GLN A 174 9.29 -3.64 4.17
CA GLN A 174 8.07 -2.92 4.59
C GLN A 174 6.84 -3.51 3.90
N ILE A 175 6.98 -3.82 2.62
CA ILE A 175 5.86 -4.39 1.84
C ILE A 175 5.42 -5.74 2.44
N THR A 176 6.40 -6.62 2.72
CA THR A 176 6.11 -7.94 3.33
C THR A 176 5.41 -7.79 4.70
N ALA A 177 5.93 -6.85 5.52
CA ALA A 177 5.43 -6.66 6.88
C ALA A 177 3.99 -6.11 6.87
N LEU A 178 3.73 -5.06 6.05
CA LEU A 178 2.35 -4.49 6.08
C LEU A 178 1.32 -5.47 5.49
N SER A 179 1.72 -6.18 4.42
CA SER A 179 0.88 -7.26 3.87
C SER A 179 0.49 -8.29 4.97
N GLN A 180 1.50 -8.80 5.69
CA GLN A 180 1.28 -9.76 6.80
C GLN A 180 0.42 -9.15 7.93
N ALA A 181 0.65 -7.87 8.27
CA ALA A 181 0.00 -7.21 9.44
C ALA A 181 -1.50 -7.06 9.20
N LEU A 182 -1.92 -6.92 7.93
CA LEU A 182 -3.34 -6.67 7.64
C LEU A 182 -3.96 -7.84 6.81
N SER A 183 -3.19 -8.90 6.53
CA SER A 183 -3.60 -10.01 5.76
C SER A 183 -4.04 -9.62 4.33
N ILE A 184 -3.29 -8.71 3.69
CA ILE A 184 -3.58 -8.23 2.36
C ILE A 184 -2.66 -8.98 1.40
N ALA A 185 -3.24 -9.62 0.37
CA ALA A 185 -2.46 -10.25 -0.70
C ALA A 185 -2.31 -9.25 -1.85
N LEU A 186 -1.05 -8.95 -2.22
CA LEU A 186 -0.80 -7.93 -3.28
C LEU A 186 0.22 -8.48 -4.29
N GLN A 187 0.07 -8.04 -5.56
CA GLN A 187 1.03 -8.32 -6.62
C GLN A 187 1.58 -6.98 -7.11
N VAL A 188 2.92 -6.90 -7.19
CA VAL A 188 3.66 -5.72 -7.71
C VAL A 188 4.27 -6.08 -9.06
N GLU A 189 3.88 -5.35 -10.12
CA GLU A 189 4.46 -5.43 -11.50
C GLU A 189 5.64 -4.48 -11.57
N TYR A 190 6.77 -4.91 -12.13
CA TYR A 190 7.98 -4.07 -12.22
C TYR A 190 8.24 -3.66 -13.68
N VAL A 191 8.33 -2.33 -13.93
CA VAL A 191 8.64 -1.76 -15.23
C VAL A 191 9.85 -0.84 -15.08
N ASP A 192 11.03 -1.34 -15.46
CA ASP A 192 12.27 -0.57 -15.48
C ASP A 192 12.78 -0.44 -16.92
N GLU A 193 13.87 0.34 -17.11
CA GLU A 193 14.39 0.63 -18.45
C GLU A 193 15.49 -0.35 -18.87
N MET A 194 15.56 -1.55 -18.30
CA MET A 194 16.51 -2.56 -18.84
C MET A 194 15.74 -3.45 -19.81
N ASP A 195 16.47 -4.05 -20.74
CA ASP A 195 15.90 -4.82 -21.82
C ASP A 195 15.63 -6.28 -21.40
N THR A 196 14.64 -6.43 -20.52
CA THR A 196 14.37 -7.67 -19.77
C THR A 196 12.89 -7.96 -19.84
N ALA A 197 12.47 -9.14 -19.35
CA ALA A 197 11.05 -9.44 -19.26
C ALA A 197 10.30 -8.56 -18.26
N LEU A 198 9.07 -8.17 -18.63
CA LEU A 198 8.11 -7.64 -17.65
C LEU A 198 7.85 -8.75 -16.63
N ASN A 199 7.89 -8.43 -15.35
CA ASN A 199 7.88 -9.45 -14.26
C ASN A 199 7.15 -8.92 -13.04
N HIS A 200 6.73 -9.86 -12.16
CA HIS A 200 5.98 -9.46 -10.95
C HIS A 200 6.40 -10.33 -9.75
N HIS A 201 6.07 -9.87 -8.54
CA HIS A 201 6.20 -10.62 -7.24
C HIS A 201 4.90 -10.51 -6.45
N VAL A 202 4.53 -11.60 -5.77
CA VAL A 202 3.32 -11.72 -4.96
C VAL A 202 3.73 -11.82 -3.49
N PHE A 203 3.03 -11.03 -2.65
CA PHE A 203 3.19 -10.96 -1.22
C PHE A 203 1.85 -11.31 -0.53
N PRO A 204 1.73 -12.41 0.22
CA PRO A 204 2.71 -13.49 0.35
C PRO A 204 2.84 -14.35 -0.89
N GLU A 205 3.92 -15.16 -0.93
CA GLU A 205 4.25 -15.94 -2.17
C GLU A 205 3.05 -16.84 -2.57
N ALA A 206 2.35 -17.43 -1.61
CA ALA A 206 1.24 -18.35 -1.97
C ALA A 206 0.18 -17.70 -2.92
N ALA A 207 -0.10 -16.42 -2.77
CA ALA A 207 -1.49 -15.93 -2.65
C ALA A 207 -2.16 -15.54 -3.98
N THR A 208 -3.50 -15.49 -3.93
CA THR A 208 -4.38 -14.89 -4.95
C THR A 208 -4.56 -13.41 -4.60
N PRO A 209 -4.01 -12.43 -5.38
CA PRO A 209 -4.02 -11.03 -4.93
C PRO A 209 -5.40 -10.36 -4.93
N SER A 210 -5.60 -9.45 -3.98
CA SER A 210 -6.66 -8.45 -3.90
CA SER A 210 -6.71 -8.51 -4.01
C SER A 210 -6.29 -7.16 -4.66
N VAL A 211 -4.99 -6.82 -4.59
CA VAL A 211 -4.45 -5.51 -5.01
C VAL A 211 -3.35 -5.77 -6.04
N TYR A 212 -3.33 -5.01 -7.13
CA TYR A 212 -2.22 -4.95 -8.10
C TYR A 212 -1.62 -3.52 -8.11
N LEU A 213 -0.30 -3.41 -7.99
CA LEU A 213 0.45 -2.15 -8.07
C LEU A 213 1.50 -2.22 -9.15
N LEU A 214 1.74 -1.09 -9.82
CA LEU A 214 2.82 -0.91 -10.78
C LEU A 214 3.94 -0.10 -10.12
N TYR A 215 5.14 -0.65 -10.09
CA TYR A 215 6.37 0.03 -9.60
C TYR A 215 7.22 0.46 -10.82
N LYS A 216 7.28 1.79 -11.03
CA LYS A 216 7.92 2.43 -12.20
C LYS A 216 8.39 3.82 -11.77
N THR A 217 9.62 4.19 -12.14
CA THR A 217 10.28 5.46 -11.75
C THR A 217 10.01 5.76 -10.28
N SER A 218 10.24 4.75 -9.41
CA SER A 218 10.25 4.88 -7.91
C SER A 218 8.84 5.13 -7.30
N HIS A 219 7.82 5.00 -8.15
CA HIS A 219 6.40 5.30 -7.82
CA HIS A 219 6.50 5.28 -7.82
C HIS A 219 5.64 3.98 -7.85
N TYR A 220 4.66 3.87 -6.96
CA TYR A 220 3.62 2.81 -6.92
C TYR A 220 2.28 3.42 -7.38
N ASN A 221 1.81 2.98 -8.55
CA ASN A 221 0.49 3.30 -9.11
C ASN A 221 -0.43 2.07 -8.96
N ILE A 222 -1.76 2.30 -9.00
CA ILE A 222 -2.72 1.22 -8.82
C ILE A 222 -3.20 0.67 -10.17
N LEU A 223 -3.15 -0.65 -10.34
CA LEU A 223 -3.64 -1.29 -11.58
C LEU A 223 -4.99 -2.01 -11.36
N TYR A 224 -5.73 -2.16 -12.48
CA TYR A 224 -7.03 -2.89 -12.53
C TYR A 224 -6.93 -3.98 -13.58
N ALA A 225 -7.28 -5.22 -13.19
CA ALA A 225 -7.13 -6.41 -14.07
C ALA A 225 -8.24 -6.43 -15.13
#